data_8U5T
#
_entry.id   8U5T
#
_cell.length_a   36.849
_cell.length_b   181.111
_cell.length_c   105.908
_cell.angle_alpha   90.000
_cell.angle_beta   90.000
_cell.angle_gamma   90.000
#
_symmetry.space_group_name_H-M   'C 2 2 21'
#
loop_
_entity.id
_entity.type
_entity.pdbx_description
1 polymer 'Mango II variant'
2 non-polymer 'POTASSIUM ION'
3 non-polymer 'SODIUM ION'
4 non-polymer 3-{2,16-dioxo-20-[(3aS,4R,6aS)-2-oxohexahydro-1H-thieno[3,4-d]imidazol-4-yl]-6,9,12-trioxa-3,15-diazaicosan-1-yl}-2-{(E)-[6-(4-methoxyphenyl)-1-methylquinolin-4(1H)-ylidene]methyl}-1,3-benzothiazol-3-ium
5 water water
#
_entity_poly.entity_id   1
_entity_poly.type   'polyribonucleotide'
_entity_poly.pdbx_seq_one_letter_code
;GCGUACGAAGGUGAGGAGAGGCGAGGAAGAGUACGC
;
_entity_poly.pdbx_strand_id   A,B,C
#